data_8T9U
#
_entry.id   8T9U
#
_cell.length_a   43.021
_cell.length_b   60.622
_cell.length_c   44.562
_cell.angle_alpha   90.000
_cell.angle_beta   116.794
_cell.angle_gamma   90.000
#
_symmetry.space_group_name_H-M   'P 1 21 1'
#
loop_
_entity.id
_entity.type
_entity.pdbx_description
1 polymer "DNA (5'-D(*AP*AP*TP*AP*AP*GP*CP*GP*IP*AP*AP*GP*TP*GP*GP*G)-3')"
2 polymer "DNA (5'-D(*TP*CP*CP*CP*AP*CP*TP*TP*CP*CP*GP*CP*TP*TP*AP*T)-3')"
3 polymer 'Transcription factor PU.1'
4 non-polymer 'SODIUM ION'
5 water water
#
loop_
_entity_poly.entity_id
_entity_poly.type
_entity_poly.pdbx_seq_one_letter_code
_entity_poly.pdbx_strand_id
1 'polydeoxyribonucleotide' (DA)(DA)(DT)(DA)(DA)(DG)(DC)(DG)(DI)(DA)(DA)(DG)(DT)(DG)(DG)(DG) C
2 'polydeoxyribonucleotide' (DT)(DC)(DC)(DC)(DA)(DC)(DT)(DT)(DC)(DC)(DG)(DC)(DT)(DT)(DA)(DT) D
3 'polypeptide(L)'
;GSKKKIRLYQFLLDLLRSGDMKDSIWWVDKDKGTFQFSSKHKEALAHRWGIQKGNRKKMTYQKMARALRNYGKTGEVKKV
KKKLTYQFSGEVLGRGGLAERRHPPH
;
F
#
loop_
_chem_comp.id
_chem_comp.type
_chem_comp.name
_chem_comp.formula
DA DNA linking 2'-DEOXYADENOSINE-5'-MONOPHOSPHATE 'C10 H14 N5 O6 P'
DC DNA linking 2'-DEOXYCYTIDINE-5'-MONOPHOSPHATE 'C9 H14 N3 O7 P'
DG DNA linking 2'-DEOXYGUANOSINE-5'-MONOPHOSPHATE 'C10 H14 N5 O7 P'
DI DNA linking 2'-DEOXYINOSINE-5'-MONOPHOSPHATE 'C10 H13 N4 O7 P'
DT DNA linking THYMIDINE-5'-MONOPHOSPHATE 'C10 H15 N2 O8 P'
NA non-polymer 'SODIUM ION' 'Na 1'
#
# COMPACT_ATOMS: atom_id res chain seq x y z
N LYS C 5 -16.58 1.12 -2.41
CA LYS C 5 -15.58 0.50 -1.56
C LYS C 5 -14.34 1.40 -1.42
N ILE C 6 -13.53 1.07 -0.42
CA ILE C 6 -12.36 1.87 -0.15
C ILE C 6 -11.36 1.73 -1.29
N ARG C 7 -10.61 2.79 -1.55
CA ARG C 7 -9.53 2.75 -2.53
C ARG C 7 -8.27 2.18 -1.94
N LEU C 8 -7.45 1.59 -2.81
CA LEU C 8 -6.23 0.93 -2.37
C LEU C 8 -5.34 1.89 -1.59
N TYR C 9 -5.13 3.11 -2.08
CA TYR C 9 -4.23 3.98 -1.33
C TYR C 9 -4.77 4.28 0.06
N GLN C 10 -6.09 4.34 0.21
CA GLN C 10 -6.68 4.61 1.51
C GLN C 10 -6.58 3.42 2.43
N PHE C 11 -6.76 2.21 1.90
CA PHE C 11 -6.52 0.98 2.66
C PHE C 11 -5.12 0.96 3.26
N LEU C 12 -4.11 1.30 2.45
CA LEU C 12 -2.73 1.29 2.93
C LEU C 12 -2.49 2.38 3.96
N LEU C 13 -2.97 3.60 3.69
CA LEU C 13 -2.80 4.68 4.64
C LEU C 13 -3.46 4.34 5.97
N ASP C 14 -4.65 3.72 5.92
CA ASP C 14 -5.34 3.33 7.14
C ASP C 14 -4.56 2.29 7.92
N LEU C 15 -3.97 1.30 7.23
CA LEU C 15 -3.15 0.32 7.91
C LEU C 15 -1.97 0.98 8.60
N LEU C 16 -1.32 1.91 7.91
CA LEU C 16 -0.18 2.59 8.52
C LEU C 16 -0.61 3.37 9.74
N ARG C 17 -1.80 3.96 9.71
CA ARG C 17 -2.25 4.75 10.86
C ARG C 17 -2.65 3.85 12.02
N SER C 18 -3.26 2.69 11.74
CA SER C 18 -3.75 1.82 12.81
C SER C 18 -2.63 0.96 13.39
N GLY C 19 -1.59 0.68 12.60
CA GLY C 19 -0.54 -0.22 13.03
C GLY C 19 -0.93 -1.68 13.07
N ASP C 20 -2.01 -2.08 12.39
CA ASP C 20 -2.54 -3.43 12.59
C ASP C 20 -1.73 -4.51 11.90
N MET C 21 -0.95 -4.17 10.87
CA MET C 21 -0.08 -5.11 10.18
C MET C 21 1.35 -4.58 10.14
N LYS C 22 1.86 -4.22 11.32
CA LYS C 22 3.17 -3.57 11.41
C LYS C 22 4.32 -4.44 10.90
N ASP C 23 4.15 -5.76 10.84
CA ASP C 23 5.19 -6.62 10.31
C ASP C 23 5.12 -6.75 8.80
N SER C 24 4.10 -6.18 8.17
CA SER C 24 3.97 -6.21 6.71
C SER C 24 4.22 -4.88 6.04
N ILE C 25 4.03 -3.76 6.74
CA ILE C 25 4.14 -2.44 6.13
C ILE C 25 4.55 -1.46 7.23
N TRP C 26 5.34 -0.46 6.87
CA TRP C 26 5.78 0.53 7.86
C TRP C 26 6.17 1.83 7.16
N TRP C 27 6.13 2.90 7.93
CA TRP C 27 6.64 4.17 7.43
C TRP C 27 8.15 4.11 7.39
N VAL C 28 8.71 4.77 6.38
CA VAL C 28 10.14 5.00 6.32
C VAL C 28 10.38 6.41 6.84
N ASP C 29 9.75 7.41 6.22
CA ASP C 29 9.76 8.78 6.70
C ASP C 29 8.31 9.29 6.62
N LYS C 30 7.60 9.22 7.74
CA LYS C 30 6.17 9.52 7.67
C LYS C 30 5.92 10.98 7.29
N ASP C 31 6.84 11.89 7.65
CA ASP C 31 6.66 13.28 7.26
C ASP C 31 6.66 13.45 5.76
N LYS C 32 7.45 12.64 5.06
CA LYS C 32 7.50 12.66 3.60
C LYS C 32 6.47 11.74 2.97
N GLY C 33 5.79 10.93 3.78
CA GLY C 33 4.86 9.97 3.25
C GLY C 33 5.45 8.73 2.64
N THR C 34 6.72 8.41 2.93
CA THR C 34 7.34 7.24 2.36
C THR C 34 7.11 6.03 3.24
N PHE C 35 6.78 4.89 2.61
CA PHE C 35 6.48 3.67 3.33
C PHE C 35 7.03 2.48 2.56
N GLN C 36 7.17 1.35 3.25
CA GLN C 36 7.81 0.19 2.66
C GLN C 36 7.10 -1.08 3.12
N PHE C 37 7.01 -2.04 2.18
CA PHE C 37 6.45 -3.36 2.48
C PHE C 37 7.54 -4.34 2.92
N SER C 38 7.14 -5.32 3.73
CA SER C 38 8.01 -6.40 4.15
C SER C 38 8.22 -7.40 3.02
N SER C 39 9.46 -7.75 2.71
CA SER C 39 9.67 -8.77 1.69
C SER C 39 8.98 -10.07 2.08
N LYS C 40 9.14 -10.50 3.32
CA LYS C 40 8.64 -11.80 3.73
C LYS C 40 7.16 -11.79 4.10
N HIS C 41 6.57 -10.64 4.44
CA HIS C 41 5.22 -10.61 5.00
C HIS C 41 4.24 -9.75 4.23
N LYS C 42 4.61 -9.30 3.03
CA LYS C 42 3.71 -8.49 2.23
C LYS C 42 2.54 -9.32 1.70
N GLU C 43 2.72 -10.63 1.47
CA GLU C 43 1.59 -11.37 0.88
C GLU C 43 0.39 -11.38 1.80
N ALA C 44 0.61 -11.45 3.13
CA ALA C 44 -0.53 -11.47 4.04
C ALA C 44 -1.34 -10.19 3.94
N LEU C 45 -0.66 -9.08 3.67
CA LEU C 45 -1.35 -7.81 3.53
C LEU C 45 -2.10 -7.76 2.20
N ALA C 46 -1.49 -8.27 1.12
CA ALA C 46 -2.20 -8.39 -0.15
C ALA C 46 -3.44 -9.26 -0.01
N HIS C 47 -3.34 -10.38 0.70
CA HIS C 47 -4.51 -11.22 0.90
C HIS C 47 -5.63 -10.44 1.56
N ARG C 48 -5.31 -9.63 2.55
CA ARG C 48 -6.31 -8.87 3.26
CA ARG C 48 -6.32 -8.86 3.27
C ARG C 48 -6.99 -7.86 2.34
N TRP C 49 -6.23 -7.21 1.46
CA TRP C 49 -6.82 -6.27 0.50
C TRP C 49 -7.85 -6.97 -0.38
N GLY C 50 -7.51 -8.14 -0.93
CA GLY C 50 -8.45 -8.85 -1.79
C GLY C 50 -9.71 -9.27 -1.06
N ILE C 51 -9.56 -9.73 0.17
CA ILE C 51 -10.73 -10.13 0.95
C ILE C 51 -11.59 -8.92 1.27
N GLN C 52 -10.96 -7.78 1.59
CA GLN C 52 -11.74 -6.57 1.88
C GLN C 52 -12.53 -6.14 0.66
N LYS C 53 -11.95 -6.27 -0.53
CA LYS C 53 -12.63 -5.93 -1.77
C LYS C 53 -13.65 -6.95 -2.23
N GLY C 54 -13.61 -8.17 -1.69
CA GLY C 54 -14.48 -9.23 -2.18
C GLY C 54 -14.17 -9.72 -3.58
N ASN C 55 -12.92 -9.66 -4.00
CA ASN C 55 -12.52 -10.06 -5.34
C ASN C 55 -12.72 -11.56 -5.52
N ARG C 56 -12.89 -11.98 -6.77
CA ARG C 56 -13.12 -13.39 -7.06
C ARG C 56 -11.90 -14.24 -6.72
N LYS C 57 -10.71 -13.79 -7.12
CA LYS C 57 -9.48 -14.54 -6.91
C LYS C 57 -8.72 -14.05 -5.68
N LYS C 58 -7.81 -14.88 -5.21
CA LYS C 58 -6.89 -14.48 -4.15
C LYS C 58 -6.02 -13.34 -4.64
N MET C 59 -5.90 -12.28 -3.86
CA MET C 59 -5.02 -11.18 -4.22
C MET C 59 -3.57 -11.54 -3.90
N THR C 60 -2.66 -11.06 -4.72
CA THR C 60 -1.24 -11.27 -4.53
C THR C 60 -0.57 -9.91 -4.47
N TYR C 61 0.64 -9.89 -3.91
CA TYR C 61 1.40 -8.65 -3.91
C TYR C 61 1.63 -8.15 -5.33
N GLN C 62 1.91 -9.06 -6.26
CA GLN C 62 2.14 -8.64 -7.64
CA GLN C 62 2.15 -8.63 -7.65
C GLN C 62 0.94 -7.89 -8.21
N LYS C 63 -0.26 -8.43 -8.01
CA LYS C 63 -1.46 -7.77 -8.52
C LYS C 63 -1.73 -6.46 -7.79
N MET C 64 -1.44 -6.41 -6.49
CA MET C 64 -1.65 -5.18 -5.75
C MET C 64 -0.69 -4.10 -6.24
N ALA C 65 0.57 -4.48 -6.48
CA ALA C 65 1.55 -3.51 -6.99
C ALA C 65 1.22 -3.10 -8.42
N ARG C 66 0.58 -3.97 -9.20
CA ARG C 66 0.15 -3.55 -10.52
C ARG C 66 -0.88 -2.43 -10.42
N ALA C 67 -1.80 -2.53 -9.46
CA ALA C 67 -2.71 -1.43 -9.20
C ALA C 67 -1.96 -0.19 -8.70
N LEU C 68 -0.99 -0.38 -7.81
CA LEU C 68 -0.28 0.78 -7.27
C LEU C 68 0.40 1.57 -8.37
N ARG C 69 0.98 0.88 -9.37
CA ARG C 69 1.65 1.58 -10.44
C ARG C 69 0.73 2.52 -11.21
N ASN C 70 -0.56 2.21 -11.25
CA ASN C 70 -1.50 3.08 -11.97
C ASN C 70 -1.70 4.43 -11.30
N TYR C 71 -1.33 4.55 -10.04
CA TYR C 71 -1.38 5.84 -9.35
C TYR C 71 -0.23 6.74 -9.73
N GLY C 72 0.79 6.22 -10.40
CA GLY C 72 1.94 7.06 -10.70
C GLY C 72 1.58 8.31 -11.47
N LYS C 73 0.68 8.18 -12.46
CA LYS C 73 0.37 9.30 -13.34
C LYS C 73 -0.48 10.35 -12.63
N THR C 74 -1.45 9.92 -11.82
CA THR C 74 -2.32 10.84 -11.12
C THR C 74 -1.71 11.34 -9.81
N GLY C 75 -0.79 10.59 -9.23
CA GLY C 75 0.09 11.11 -8.20
C GLY C 75 -0.19 10.66 -6.78
N GLU C 76 -1.24 9.86 -6.54
CA GLU C 76 -1.59 9.52 -5.16
C GLU C 76 -0.49 8.73 -4.48
N VAL C 77 0.18 7.87 -5.23
CA VAL C 77 1.25 7.01 -4.74
C VAL C 77 2.27 6.94 -5.85
N LYS C 78 3.53 7.16 -5.52
CA LYS C 78 4.62 7.03 -6.47
C LYS C 78 5.64 6.03 -5.94
N LYS C 79 6.25 5.30 -6.85
CA LYS C 79 7.31 4.38 -6.50
C LYS C 79 8.60 5.15 -6.20
N VAL C 80 9.26 4.78 -5.10
CA VAL C 80 10.57 5.31 -4.72
C VAL C 80 11.61 4.30 -5.15
N LYS C 81 12.81 4.78 -5.48
CA LYS C 81 13.88 3.93 -5.98
C LYS C 81 14.60 3.24 -4.83
N LYS C 82 13.83 2.59 -3.97
CA LYS C 82 14.31 1.74 -2.90
C LYS C 82 13.40 0.51 -2.86
N LYS C 83 13.95 -0.60 -2.39
CA LYS C 83 13.24 -1.87 -2.40
C LYS C 83 11.88 -1.75 -1.70
N LEU C 84 10.82 -2.10 -2.42
CA LEU C 84 9.48 -2.23 -1.86
C LEU C 84 8.95 -0.92 -1.26
N THR C 85 9.44 0.23 -1.73
CA THR C 85 9.18 1.52 -1.11
C THR C 85 8.39 2.42 -2.06
N TYR C 86 7.42 3.13 -1.49
CA TYR C 86 6.49 3.99 -2.21
C TYR C 86 6.30 5.28 -1.40
N GLN C 87 5.58 6.26 -1.97
CA GLN C 87 5.39 7.57 -1.33
C GLN C 87 4.00 8.10 -1.64
N PHE C 88 3.23 8.41 -0.61
CA PHE C 88 1.95 9.09 -0.81
C PHE C 88 2.16 10.55 -1.15
N SER C 89 1.21 11.11 -1.89
CA SER C 89 1.24 12.54 -2.18
C SER C 89 0.88 13.35 -0.94
N GLY C 90 1.27 14.63 -0.95
CA GLY C 90 0.82 15.53 0.10
C GLY C 90 -0.70 15.63 0.18
N GLU C 91 -1.38 15.57 -0.97
CA GLU C 91 -2.83 15.66 -0.95
C GLU C 91 -3.43 14.46 -0.23
N VAL C 92 -2.93 13.25 -0.52
CA VAL C 92 -3.42 12.07 0.15
C VAL C 92 -3.15 12.14 1.65
N LEU C 93 -1.94 12.56 2.03
CA LEU C 93 -1.61 12.65 3.45
C LEU C 93 -2.45 13.68 4.18
N GLY C 94 -2.80 14.77 3.50
CA GLY C 94 -3.55 15.83 4.14
C GLY C 94 -4.98 15.40 4.47
N ARG C 95 -5.59 14.61 3.60
CA ARG C 95 -6.91 14.06 3.84
C ARG C 95 -6.84 12.95 4.88
NA NA D . 8.34 -9.65 -5.50
#